data_9PJF
#
_entry.id   9PJF
#
_cell.length_a   60.683
_cell.length_b   63.945
_cell.length_c   96.522
_cell.angle_alpha   90.000
_cell.angle_beta   90.000
_cell.angle_gamma   90.000
#
_symmetry.space_group_name_H-M   'P 21 21 2'
#
loop_
_entity.id
_entity.type
_entity.pdbx_description
1 polymer 'Peptidase C37'
2 polymer '(BOC)F(ALC)(ELL) peptide'
3 water water
#
loop_
_entity_poly.entity_id
_entity_poly.type
_entity_poly.pdbx_seq_one_letter_code
_entity_poly.pdbx_strand_id
1 'polypeptide(L)'
;APPSIWSRIVNFGSGWGFWVSPSLFITSTHVIPQSAKEFFGVPIKQIQIHKSGEFCRLRFPKPIRTDVTGMILEEGAPEG
TVATLLIKRPTGELMPLAARMGTHATMKIQGRTVGGQMGMLLTGSNAKSMDLGTTPGDCGCPYIYKRGNDYVVIGVHTAA
ARGGNTVICATQGSEGEATLE
;
A,B
2 'polypeptide(L)' (A1C3V)(ALC)(ELL) C,D
#
loop_
_chem_comp.id
_chem_comp.type
_chem_comp.name
_chem_comp.formula
ELL non-polymer (2S)-2-azanyl-3-[(3S)-2-oxidanylidenepyrrolidin-3-yl]propanal 'C7 H12 N2 O2'
#
# COMPACT_ATOMS: atom_id res chain seq x y z
N ALA A 1 -1.07 -6.50 -6.24
CA ALA A 1 -0.18 -7.29 -7.11
C ALA A 1 -0.39 -8.75 -6.79
N PRO A 2 -0.21 -9.64 -7.78
CA PRO A 2 -0.51 -11.06 -7.54
C PRO A 2 0.51 -11.71 -6.62
N PRO A 3 0.14 -12.80 -5.94
CA PRO A 3 1.08 -13.45 -5.01
C PRO A 3 2.38 -13.91 -5.67
N SER A 4 2.36 -14.21 -6.97
CA SER A 4 3.56 -14.63 -7.67
C SER A 4 4.54 -13.46 -7.82
N ILE A 5 4.06 -12.24 -7.66
CA ILE A 5 4.99 -11.12 -7.53
C ILE A 5 5.53 -11.01 -6.12
N TRP A 6 4.68 -11.08 -5.10
CA TRP A 6 5.14 -10.95 -3.74
C TRP A 6 6.18 -12.01 -3.38
N SER A 7 6.02 -13.25 -3.88
CA SER A 7 6.95 -14.31 -3.49
C SER A 7 8.36 -14.07 -4.00
N ARG A 8 8.50 -13.12 -4.94
CA ARG A 8 9.83 -12.75 -5.46
C ARG A 8 10.60 -11.84 -4.54
N ILE A 9 9.95 -11.24 -3.54
CA ILE A 9 10.58 -10.29 -2.61
C ILE A 9 11.03 -11.11 -1.41
N VAL A 10 12.32 -11.13 -1.13
CA VAL A 10 12.85 -11.89 -0.01
C VAL A 10 13.84 -11.08 0.79
N ASN A 11 14.03 -11.42 2.05
CA ASN A 11 14.95 -10.66 2.87
C ASN A 11 16.38 -10.83 2.36
N PHE A 12 17.15 -9.77 2.46
CA PHE A 12 18.50 -9.79 1.95
C PHE A 12 19.31 -8.77 2.72
N GLY A 13 20.32 -9.21 3.45
CA GLY A 13 21.12 -8.25 4.20
C GLY A 13 20.23 -7.48 5.16
N SER A 14 20.40 -6.15 5.19
CA SER A 14 19.59 -5.31 6.07
C SER A 14 18.31 -4.81 5.40
N GLY A 15 17.91 -5.43 4.30
CA GLY A 15 16.72 -5.01 3.58
C GLY A 15 16.13 -6.22 2.87
N TRP A 16 15.89 -6.04 1.57
CA TRP A 16 15.16 -6.98 0.75
C TRP A 16 15.75 -6.97 -0.62
N GLY A 17 15.37 -7.96 -1.42
CA GLY A 17 15.64 -7.90 -2.85
C GLY A 17 14.54 -8.60 -3.62
N PHE A 18 14.64 -8.62 -4.94
CA PHE A 18 13.55 -9.03 -5.82
C PHE A 18 14.06 -9.89 -6.95
N TRP A 19 13.45 -11.08 -7.11
CA TRP A 19 13.81 -11.97 -8.22
C TRP A 19 13.09 -11.49 -9.47
N VAL A 20 13.85 -10.89 -10.39
CA VAL A 20 13.32 -10.49 -11.69
C VAL A 20 13.12 -11.71 -12.56
N SER A 21 14.01 -12.69 -12.45
CA SER A 21 13.85 -13.90 -13.25
C SER A 21 14.46 -14.99 -12.38
N PRO A 22 14.43 -16.26 -12.81
CA PRO A 22 15.03 -17.29 -11.96
C PRO A 22 16.51 -17.09 -11.67
N SER A 23 17.23 -16.30 -12.48
N SER A 23 17.22 -16.30 -12.48
CA SER A 23 18.67 -16.15 -12.32
CA SER A 23 18.66 -16.17 -12.32
C SER A 23 19.09 -14.70 -12.14
C SER A 23 19.08 -14.75 -11.96
N LEU A 24 18.16 -13.78 -11.88
CA LEU A 24 18.48 -12.36 -11.78
C LEU A 24 17.79 -11.78 -10.59
N PHE A 25 18.56 -11.18 -9.67
CA PHE A 25 18.07 -10.65 -8.39
C PHE A 25 18.51 -9.21 -8.27
N ILE A 26 17.62 -8.34 -7.91
CA ILE A 26 17.98 -6.93 -7.73
C ILE A 26 17.77 -6.48 -6.28
N THR A 27 18.62 -5.56 -5.81
CA THR A 27 18.51 -5.05 -4.46
C THR A 27 19.16 -3.66 -4.42
N SER A 28 19.17 -3.03 -3.23
CA SER A 28 19.80 -1.73 -3.04
C SER A 28 21.19 -2.00 -2.50
N THR A 29 22.21 -1.40 -3.12
CA THR A 29 23.59 -1.78 -2.80
C THR A 29 23.89 -1.68 -1.30
N HIS A 30 23.40 -0.65 -0.63
CA HIS A 30 23.82 -0.43 0.75
C HIS A 30 23.27 -1.49 1.70
N VAL A 31 22.31 -2.32 1.30
CA VAL A 31 21.77 -3.32 2.23
C VAL A 31 22.52 -4.63 2.15
N ILE A 32 23.43 -4.80 1.19
CA ILE A 32 24.04 -6.11 0.92
C ILE A 32 24.86 -6.57 2.12
N PRO A 33 24.84 -7.89 2.44
CA PRO A 33 25.73 -8.40 3.49
C PRO A 33 27.19 -8.13 3.11
N GLN A 34 27.88 -7.40 3.97
CA GLN A 34 29.29 -7.09 3.69
C GLN A 34 30.14 -8.32 4.08
N SER A 35 31.23 -8.52 3.36
CA SER A 35 32.11 -9.65 3.66
C SER A 35 31.42 -11.00 3.50
N ALA A 36 30.32 -11.08 2.74
CA ALA A 36 29.66 -12.36 2.54
C ALA A 36 30.49 -13.26 1.64
N LYS A 37 30.42 -14.57 1.88
CA LYS A 37 31.15 -15.48 1.01
C LYS A 37 30.27 -16.03 -0.10
N GLU A 38 28.96 -15.97 0.05
CA GLU A 38 28.05 -16.51 -0.94
C GLU A 38 26.73 -15.74 -0.82
N PHE A 39 25.98 -15.73 -1.93
CA PHE A 39 24.59 -15.29 -1.92
C PHE A 39 23.75 -16.42 -2.47
N PHE A 40 22.68 -16.77 -1.76
CA PHE A 40 21.77 -17.83 -2.22
C PHE A 40 22.50 -19.12 -2.54
N GLY A 41 23.57 -19.37 -1.81
CA GLY A 41 24.33 -20.60 -1.92
C GLY A 41 25.40 -20.61 -2.98
N VAL A 42 25.63 -19.49 -3.65
CA VAL A 42 26.60 -19.41 -4.74
C VAL A 42 27.77 -18.54 -4.29
N PRO A 43 29.00 -19.04 -4.40
CA PRO A 43 30.16 -18.25 -4.02
C PRO A 43 30.18 -16.94 -4.80
N ILE A 44 30.55 -15.86 -4.10
CA ILE A 44 30.48 -14.51 -4.66
C ILE A 44 31.24 -14.43 -5.98
N LYS A 45 32.39 -15.11 -6.08
CA LYS A 45 33.24 -15.02 -7.26
C LYS A 45 32.59 -15.65 -8.48
N GLN A 46 31.52 -16.42 -8.30
CA GLN A 46 30.80 -17.03 -9.41
C GLN A 46 29.62 -16.19 -9.87
N ILE A 47 29.32 -15.07 -9.21
CA ILE A 47 28.13 -14.23 -9.51
C ILE A 47 28.59 -13.03 -10.34
N GLN A 48 27.78 -12.66 -11.31
CA GLN A 48 27.99 -11.38 -11.97
C GLN A 48 27.29 -10.29 -11.16
N ILE A 49 28.07 -9.44 -10.50
CA ILE A 49 27.50 -8.40 -9.62
C ILE A 49 27.65 -7.06 -10.32
N HIS A 50 26.53 -6.53 -10.78
CA HIS A 50 26.48 -5.24 -11.46
C HIS A 50 25.98 -4.21 -10.46
N LYS A 51 26.68 -3.11 -10.34
CA LYS A 51 26.19 -2.00 -9.53
C LYS A 51 26.11 -0.73 -10.38
N SER A 52 25.00 -0.02 -10.25
CA SER A 52 24.82 1.35 -10.82
C SER A 52 24.47 2.15 -9.57
N GLY A 53 25.48 2.74 -8.87
CA GLY A 53 25.16 3.42 -7.60
C GLY A 53 24.47 2.51 -6.62
N GLU A 54 23.26 2.90 -6.18
CA GLU A 54 22.51 2.09 -5.22
C GLU A 54 21.67 0.99 -5.88
N PHE A 55 21.68 0.85 -7.18
CA PHE A 55 20.99 -0.29 -7.81
C PHE A 55 21.99 -1.41 -7.97
N CYS A 56 21.70 -2.58 -7.41
CA CYS A 56 22.61 -3.72 -7.52
C CYS A 56 21.87 -4.88 -8.14
N ARG A 57 22.48 -5.49 -9.15
CA ARG A 57 21.89 -6.61 -9.89
C ARG A 57 22.82 -7.79 -9.82
N LEU A 58 22.34 -8.91 -9.32
CA LEU A 58 23.12 -10.14 -9.20
C LEU A 58 22.58 -11.12 -10.21
N ARG A 59 23.44 -11.56 -11.12
CA ARG A 59 23.08 -12.55 -12.12
C ARG A 59 23.82 -13.84 -11.77
N PHE A 60 23.05 -14.91 -11.63
CA PHE A 60 23.60 -16.18 -11.22
C PHE A 60 23.84 -17.08 -12.44
N PRO A 61 24.78 -18.01 -12.32
CA PRO A 61 25.19 -18.78 -13.51
C PRO A 61 24.19 -19.87 -13.89
N LYS A 62 23.26 -20.21 -13.02
CA LYS A 62 22.16 -21.10 -13.38
C LYS A 62 20.95 -20.65 -12.60
N PRO A 63 19.76 -21.04 -13.04
CA PRO A 63 18.54 -20.63 -12.36
C PRO A 63 18.52 -21.06 -10.89
N ILE A 64 18.06 -20.11 -10.07
CA ILE A 64 17.89 -20.29 -8.61
C ILE A 64 16.41 -20.44 -8.27
N ARG A 65 15.61 -19.47 -8.64
CA ARG A 65 14.17 -19.46 -8.32
C ARG A 65 13.44 -19.87 -9.59
N THR A 66 13.38 -21.21 -9.80
CA THR A 66 12.81 -21.73 -11.03
C THR A 66 11.29 -21.61 -11.08
N ASP A 67 10.65 -21.16 -9.96
CA ASP A 67 9.22 -20.92 -9.92
C ASP A 67 8.81 -19.59 -10.52
N VAL A 68 9.76 -18.66 -10.82
CA VAL A 68 9.32 -17.33 -11.28
C VAL A 68 9.51 -17.22 -12.76
N THR A 69 8.59 -16.51 -13.40
CA THR A 69 8.80 -16.19 -14.80
C THR A 69 9.68 -14.94 -14.88
N GLY A 70 10.30 -14.72 -16.03
CA GLY A 70 11.11 -13.52 -16.21
C GLY A 70 10.25 -12.30 -16.43
N MET A 71 10.56 -11.21 -15.72
N MET A 71 10.60 -11.22 -15.77
CA MET A 71 9.85 -9.94 -15.82
CA MET A 71 9.89 -9.97 -15.95
C MET A 71 10.71 -8.87 -16.50
C MET A 71 10.73 -9.01 -16.77
N ILE A 72 10.06 -7.98 -17.27
CA ILE A 72 10.74 -6.87 -17.93
C ILE A 72 11.34 -5.96 -16.87
N LEU A 73 12.62 -5.61 -17.03
CA LEU A 73 13.33 -4.68 -16.15
C LEU A 73 13.69 -3.48 -17.00
N GLU A 74 13.23 -2.31 -16.58
CA GLU A 74 13.56 -1.08 -17.29
C GLU A 74 14.20 -0.09 -16.35
N GLU A 75 14.81 0.93 -16.93
CA GLU A 75 15.59 1.92 -16.20
C GLU A 75 14.66 3.06 -15.78
N GLY A 76 14.01 2.87 -14.65
CA GLY A 76 12.94 3.82 -14.24
C GLY A 76 11.75 3.75 -15.17
N ALA A 77 10.88 4.73 -15.03
CA ALA A 77 9.65 4.86 -15.81
C ALA A 77 9.55 6.28 -16.36
N PRO A 78 8.69 6.50 -17.33
CA PRO A 78 8.43 7.87 -17.77
C PRO A 78 7.92 8.71 -16.60
N GLU A 79 8.33 9.96 -16.57
CA GLU A 79 7.81 10.84 -15.55
C GLU A 79 6.29 10.83 -15.60
N GLY A 80 5.70 10.77 -14.42
CA GLY A 80 4.26 10.74 -14.30
C GLY A 80 3.67 9.37 -14.15
N THR A 81 4.43 8.32 -14.41
CA THR A 81 3.90 6.98 -14.31
C THR A 81 3.51 6.66 -12.85
N VAL A 82 2.35 6.06 -12.67
CA VAL A 82 1.96 5.58 -11.34
C VAL A 82 2.43 4.14 -11.15
N ALA A 83 3.35 3.95 -10.22
CA ALA A 83 3.89 2.64 -9.90
C ALA A 83 3.44 2.19 -8.52
N THR A 84 3.76 0.95 -8.18
CA THR A 84 3.55 0.42 -6.85
C THR A 84 4.91 0.06 -6.27
N LEU A 85 5.16 0.54 -5.05
CA LEU A 85 6.32 0.10 -4.28
C LEU A 85 5.84 -1.07 -3.40
N LEU A 86 6.37 -2.26 -3.63
CA LEU A 86 5.88 -3.45 -2.93
C LEU A 86 6.68 -3.66 -1.65
N ILE A 87 6.20 -3.18 -0.53
CA ILE A 87 6.90 -3.25 0.74
C ILE A 87 6.55 -4.54 1.47
N LYS A 88 7.54 -5.30 1.89
CA LYS A 88 7.35 -6.32 2.93
C LYS A 88 7.98 -5.83 4.21
N ARG A 89 7.34 -6.19 5.34
CA ARG A 89 7.89 -5.85 6.64
C ARG A 89 8.25 -7.14 7.37
N PRO A 90 9.20 -7.08 8.30
CA PRO A 90 9.56 -8.33 9.02
C PRO A 90 8.43 -8.83 9.90
N THR A 91 7.47 -7.99 10.26
CA THR A 91 6.27 -8.34 11.02
C THR A 91 5.21 -9.04 10.19
N GLY A 92 5.49 -9.24 8.88
CA GLY A 92 4.70 -10.05 8.01
C GLY A 92 3.80 -9.31 7.03
N GLU A 93 3.68 -8.01 7.16
CA GLU A 93 2.76 -7.28 6.31
C GLU A 93 3.26 -7.21 4.86
N LEU A 94 2.30 -7.22 3.95
CA LEU A 94 2.49 -6.93 2.55
C LEU A 94 1.80 -5.61 2.31
N MET A 95 2.56 -4.59 1.92
CA MET A 95 2.02 -3.25 1.80
C MET A 95 2.35 -2.67 0.43
N PRO A 96 1.46 -2.80 -0.54
CA PRO A 96 1.68 -2.11 -1.83
C PRO A 96 1.38 -0.63 -1.68
N LEU A 97 2.40 0.22 -1.93
CA LEU A 97 2.30 1.66 -1.76
C LEU A 97 2.32 2.30 -3.13
N ALA A 98 1.23 2.91 -3.52
CA ALA A 98 1.17 3.63 -4.79
C ALA A 98 2.12 4.83 -4.78
N ALA A 99 2.75 5.09 -5.91
CA ALA A 99 3.70 6.19 -5.98
C ALA A 99 3.65 6.77 -7.38
N ARG A 100 3.62 8.09 -7.48
N ARG A 100 3.62 8.07 -7.49
CA ARG A 100 3.78 8.78 -8.76
CA ARG A 100 3.77 8.70 -8.80
C ARG A 100 5.28 8.94 -9.01
C ARG A 100 5.26 8.96 -9.03
N MET A 101 5.77 8.37 -10.09
CA MET A 101 7.20 8.52 -10.40
C MET A 101 7.45 9.86 -11.07
N GLY A 102 8.54 10.49 -10.69
CA GLY A 102 8.82 11.84 -11.11
C GLY A 102 10.10 11.93 -11.94
N THR A 103 10.90 12.95 -11.61
N THR A 103 10.89 12.96 -11.66
CA THR A 103 12.10 13.30 -12.38
CA THR A 103 12.08 13.20 -12.46
C THR A 103 13.24 12.33 -12.08
C THR A 103 13.17 12.20 -12.13
N HIS A 104 13.94 11.90 -13.14
CA HIS A 104 15.20 11.20 -12.99
C HIS A 104 16.26 12.20 -12.60
N ALA A 105 17.02 11.88 -11.60
CA ALA A 105 18.07 12.78 -11.13
C ALA A 105 19.12 12.01 -10.36
N THR A 106 20.11 12.69 -9.90
CA THR A 106 21.21 12.13 -9.07
C THR A 106 21.25 12.93 -7.79
N MET A 107 21.23 12.23 -6.66
CA MET A 107 21.21 12.86 -5.36
C MET A 107 22.57 12.61 -4.71
N LYS A 108 22.88 13.40 -3.70
CA LYS A 108 23.99 13.09 -2.78
C LYS A 108 23.30 12.77 -1.46
N ILE A 109 23.45 11.51 -1.01
CA ILE A 109 22.73 11.05 0.19
C ILE A 109 23.76 10.45 1.10
N GLN A 110 23.85 11.00 2.33
CA GLN A 110 24.84 10.50 3.29
C GLN A 110 26.23 10.41 2.67
N GLY A 111 26.59 11.43 1.89
CA GLY A 111 27.88 11.55 1.26
C GLY A 111 28.10 10.70 0.02
N ARG A 112 27.11 9.89 -0.41
CA ARG A 112 27.17 8.97 -1.53
C ARG A 112 26.43 9.55 -2.72
N THR A 113 26.92 9.27 -3.93
CA THR A 113 26.25 9.69 -5.16
C THR A 113 25.21 8.63 -5.48
N VAL A 114 23.95 9.00 -5.58
CA VAL A 114 22.86 8.04 -5.69
C VAL A 114 21.95 8.48 -6.82
N GLY A 115 22.07 7.84 -7.94
CA GLY A 115 21.17 8.10 -9.06
C GLY A 115 19.88 7.35 -8.96
N GLY A 116 18.87 7.87 -9.61
CA GLY A 116 17.60 7.17 -9.65
C GLY A 116 16.50 8.03 -10.14
N GLN A 117 15.31 7.71 -9.67
CA GLN A 117 14.11 8.44 -10.04
C GLN A 117 13.38 8.81 -8.76
N MET A 118 13.01 10.09 -8.61
N MET A 118 12.94 10.06 -8.71
CA MET A 118 12.26 10.49 -7.43
CA MET A 118 12.11 10.54 -7.63
C MET A 118 10.80 10.08 -7.64
C MET A 118 10.76 9.86 -7.70
N GLY A 119 10.14 9.73 -6.55
CA GLY A 119 8.72 9.41 -6.54
C GLY A 119 8.02 10.14 -5.41
N MET A 120 6.67 10.15 -5.52
CA MET A 120 5.81 10.76 -4.53
C MET A 120 4.79 9.68 -4.14
N LEU A 121 4.80 9.31 -2.88
CA LEU A 121 3.79 8.34 -2.41
C LEU A 121 2.39 8.94 -2.53
N LEU A 122 1.45 8.05 -2.88
CA LEU A 122 0.04 8.43 -3.04
C LEU A 122 -0.82 7.70 -2.04
N THR A 123 -0.33 7.54 -0.83
CA THR A 123 -1.02 6.75 0.21
C THR A 123 -1.76 7.66 1.20
N GLY A 124 -1.48 8.97 1.22
CA GLY A 124 -2.19 9.85 2.14
C GLY A 124 -1.63 11.23 1.97
N SER A 125 -2.17 12.16 2.74
CA SER A 125 -1.74 13.55 2.61
C SER A 125 -0.26 13.70 2.93
N ASN A 126 0.16 13.16 4.04
CA ASN A 126 1.58 13.09 4.39
C ASN A 126 1.82 11.68 4.93
N ALA A 127 2.49 10.89 4.09
CA ALA A 127 2.66 9.47 4.43
C ALA A 127 3.33 9.30 5.78
N LYS A 128 4.34 10.12 6.09
CA LYS A 128 5.06 9.93 7.35
C LYS A 128 4.26 10.32 8.56
N SER A 129 3.42 11.35 8.46
CA SER A 129 2.61 11.71 9.62
C SER A 129 1.62 10.61 9.93
N MET A 130 1.36 9.76 8.94
CA MET A 130 0.28 8.80 9.08
C MET A 130 0.80 7.38 9.20
N ASP A 131 2.12 7.17 9.23
CA ASP A 131 2.69 5.81 9.27
C ASP A 131 2.28 4.98 8.05
N LEU A 132 2.17 5.65 6.92
CA LEU A 132 1.77 5.02 5.67
C LEU A 132 2.88 5.21 4.64
N GLY A 133 4.13 5.33 5.13
CA GLY A 133 5.21 5.47 4.19
C GLY A 133 6.24 4.39 4.45
N THR A 134 7.48 4.72 4.11
CA THR A 134 8.58 3.77 4.22
C THR A 134 9.49 4.10 5.40
N THR A 135 10.22 3.10 5.83
CA THR A 135 10.94 3.12 7.11
C THR A 135 12.27 2.39 6.97
N PRO A 136 13.20 2.59 7.92
CA PRO A 136 14.40 1.77 7.91
C PRO A 136 14.04 0.29 7.81
N GLY A 137 14.85 -0.41 7.04
CA GLY A 137 14.60 -1.83 6.74
C GLY A 137 13.88 -2.12 5.43
N ASP A 138 13.27 -1.10 4.79
CA ASP A 138 12.48 -1.31 3.57
C ASP A 138 13.32 -1.28 2.27
N CYS A 139 14.62 -1.02 2.36
CA CYS A 139 15.34 -0.83 1.11
C CYS A 139 15.53 -2.14 0.36
N GLY A 140 15.56 -2.04 -0.94
CA GLY A 140 15.64 -3.16 -1.85
C GLY A 140 14.27 -3.64 -2.34
N CYS A 141 13.17 -3.16 -1.74
CA CYS A 141 11.86 -3.57 -2.25
C CYS A 141 11.64 -2.93 -3.63
N PRO A 142 10.91 -3.60 -4.52
CA PRO A 142 10.85 -3.15 -5.92
C PRO A 142 9.73 -2.15 -6.17
N TYR A 143 9.97 -1.29 -7.15
CA TYR A 143 8.93 -0.48 -7.78
C TYR A 143 8.50 -1.15 -9.08
N ILE A 144 7.19 -1.37 -9.26
N ILE A 144 7.21 -1.37 -9.25
CA ILE A 144 6.64 -2.11 -10.40
CA ILE A 144 6.73 -1.98 -10.49
C ILE A 144 5.39 -1.42 -10.95
C ILE A 144 5.57 -1.15 -11.00
N TYR A 145 5.26 -1.35 -12.28
CA TYR A 145 3.99 -0.85 -12.85
C TYR A 145 3.56 -1.81 -13.95
N LYS A 146 2.31 -1.70 -14.36
CA LYS A 146 1.80 -2.58 -15.41
C LYS A 146 1.64 -1.73 -16.67
N ARG A 147 2.23 -2.19 -17.76
CA ARG A 147 2.10 -1.50 -19.02
C ARG A 147 1.36 -2.47 -19.94
N GLY A 148 0.09 -2.16 -20.22
CA GLY A 148 -0.72 -3.12 -20.92
C GLY A 148 -0.88 -4.37 -20.08
N ASN A 149 -0.53 -5.52 -20.63
CA ASN A 149 -0.63 -6.75 -19.87
C ASN A 149 0.67 -7.09 -19.16
N ASP A 150 1.71 -6.29 -19.31
CA ASP A 150 3.03 -6.69 -18.83
C ASP A 150 3.38 -5.94 -17.55
N TYR A 151 3.82 -6.67 -16.53
CA TYR A 151 4.47 -5.98 -15.40
C TYR A 151 5.88 -5.57 -15.78
N VAL A 152 6.26 -4.40 -15.29
CA VAL A 152 7.58 -3.85 -15.54
C VAL A 152 8.18 -3.48 -14.19
N VAL A 153 9.39 -3.96 -13.89
CA VAL A 153 10.09 -3.54 -12.66
C VAL A 153 11.07 -2.44 -13.04
N ILE A 154 11.06 -1.36 -12.26
CA ILE A 154 11.79 -0.14 -12.65
C ILE A 154 12.91 0.25 -11.71
N GLY A 155 13.09 -0.44 -10.59
CA GLY A 155 14.18 -0.11 -9.69
C GLY A 155 13.82 -0.57 -8.29
N VAL A 156 14.67 -0.14 -7.36
CA VAL A 156 14.61 -0.59 -5.96
C VAL A 156 14.59 0.57 -5.01
N HIS A 157 13.87 0.39 -3.90
CA HIS A 157 13.77 1.48 -2.92
C HIS A 157 15.10 1.69 -2.20
N THR A 158 15.52 2.95 -2.13
N THR A 158 15.54 2.96 -2.17
CA THR A 158 16.83 3.28 -1.55
CA THR A 158 16.83 3.29 -1.56
C THR A 158 16.75 4.37 -0.50
C THR A 158 16.76 4.38 -0.49
N ALA A 159 15.81 5.30 -0.56
CA ALA A 159 15.83 6.43 0.37
C ALA A 159 14.48 7.09 0.42
N ALA A 160 14.24 7.84 1.45
CA ALA A 160 13.02 8.65 1.51
C ALA A 160 13.19 9.80 2.47
N ALA A 161 12.47 10.89 2.24
CA ALA A 161 12.50 12.03 3.13
C ALA A 161 11.91 11.69 4.50
N ARG A 162 12.36 12.45 5.50
CA ARG A 162 11.95 12.17 6.86
C ARG A 162 10.50 12.54 7.12
N GLY A 163 9.95 13.47 6.33
CA GLY A 163 8.52 13.77 6.36
C GLY A 163 8.00 13.85 4.93
N GLY A 164 6.67 13.80 4.77
CA GLY A 164 6.13 13.97 3.46
C GLY A 164 6.21 12.69 2.67
N ASN A 165 6.07 12.88 1.38
CA ASN A 165 5.81 11.76 0.48
C ASN A 165 6.99 11.37 -0.43
N THR A 166 8.13 12.08 -0.37
CA THR A 166 9.19 11.83 -1.35
C THR A 166 9.96 10.55 -1.04
N VAL A 167 10.14 9.75 -2.10
CA VAL A 167 10.89 8.49 -2.06
C VAL A 167 11.85 8.49 -3.25
N ILE A 168 12.90 7.68 -3.13
CA ILE A 168 13.90 7.56 -4.18
C ILE A 168 14.02 6.09 -4.61
N CYS A 169 13.85 5.86 -5.90
CA CYS A 169 13.97 4.56 -6.52
C CYS A 169 15.31 4.52 -7.28
N ALA A 170 16.23 3.69 -6.85
CA ALA A 170 17.50 3.56 -7.58
C ALA A 170 17.30 2.70 -8.82
N THR A 171 17.88 3.11 -9.94
CA THR A 171 17.59 2.47 -11.21
C THR A 171 18.84 1.91 -11.88
N GLN A 172 18.61 0.90 -12.74
CA GLN A 172 19.71 0.39 -13.55
C GLN A 172 20.21 1.49 -14.47
N GLY A 173 21.53 1.60 -14.60
CA GLY A 173 22.08 2.67 -15.42
C GLY A 173 22.19 4.01 -14.73
N SER A 174 21.74 4.13 -13.50
CA SER A 174 21.81 5.41 -12.79
C SER A 174 23.25 5.73 -12.40
N GLU A 175 23.45 7.03 -12.11
CA GLU A 175 24.76 7.54 -11.75
C GLU A 175 25.22 7.06 -10.36
N GLY A 176 26.52 6.83 -10.22
CA GLY A 176 27.08 6.47 -8.95
C GLY A 176 28.19 5.46 -9.20
N GLU A 177 28.76 4.98 -8.10
CA GLU A 177 29.89 4.05 -8.22
C GLU A 177 29.39 2.81 -8.96
N ALA A 178 30.17 2.32 -9.91
CA ALA A 178 29.68 1.28 -10.80
C ALA A 178 30.58 0.06 -10.81
N THR A 179 29.97 -1.10 -11.01
CA THR A 179 30.77 -2.28 -11.32
C THR A 179 30.04 -3.02 -12.44
N LEU A 180 30.79 -3.60 -13.39
CA LEU A 180 30.18 -4.30 -14.52
C LEU A 180 29.82 -5.74 -14.17
N GLU A 181 30.60 -6.34 -13.27
CA GLU A 181 30.39 -7.76 -12.95
C GLU A 181 31.08 -8.08 -11.63
N SER B 4 -1.16 -1.42 12.93
CA SER B 4 -1.98 -1.52 14.14
C SER B 4 -3.32 -0.82 13.89
N ILE B 5 -3.36 0.31 13.15
CA ILE B 5 -4.67 0.79 12.68
C ILE B 5 -5.31 -0.29 11.81
N TRP B 6 -4.48 -0.98 11.03
CA TRP B 6 -4.94 -2.04 10.15
C TRP B 6 -5.63 -3.15 10.93
N SER B 7 -5.21 -3.39 12.19
CA SER B 7 -5.84 -4.50 12.90
C SER B 7 -7.30 -4.22 13.25
N ARG B 8 -7.72 -2.96 13.12
CA ARG B 8 -9.14 -2.60 13.31
C ARG B 8 -10.01 -2.95 12.12
N ILE B 9 -9.45 -3.27 10.97
CA ILE B 9 -10.18 -3.58 9.75
C ILE B 9 -10.28 -5.09 9.68
N VAL B 10 -11.52 -5.60 9.65
N VAL B 10 -11.50 -5.61 9.75
CA VAL B 10 -11.81 -7.02 9.81
CA VAL B 10 -11.65 -7.06 9.68
C VAL B 10 -12.77 -7.48 8.71
C VAL B 10 -12.65 -7.43 8.61
N ASN B 11 -12.55 -8.67 8.15
CA ASN B 11 -13.47 -9.16 7.14
C ASN B 11 -14.87 -9.23 7.73
N PHE B 12 -15.87 -8.87 6.91
CA PHE B 12 -17.23 -8.82 7.41
C PHE B 12 -18.19 -9.02 6.24
N GLY B 13 -18.94 -10.12 6.23
CA GLY B 13 -19.86 -10.34 5.12
C GLY B 13 -19.09 -10.34 3.82
N SER B 14 -19.63 -9.61 2.83
CA SER B 14 -19.03 -9.50 1.52
C SER B 14 -18.08 -8.34 1.42
N GLY B 15 -17.64 -7.79 2.56
CA GLY B 15 -16.64 -6.72 2.57
C GLY B 15 -15.86 -6.76 3.85
N TRP B 16 -15.76 -5.60 4.50
CA TRP B 16 -14.93 -5.41 5.65
C TRP B 16 -15.68 -4.46 6.55
N GLY B 17 -15.19 -4.32 7.78
CA GLY B 17 -15.63 -3.24 8.61
C GLY B 17 -14.52 -2.82 9.53
N PHE B 18 -14.79 -1.79 10.35
CA PHE B 18 -13.75 -1.11 11.10
C PHE B 18 -14.18 -0.89 12.55
N TRP B 19 -13.32 -1.32 13.49
CA TRP B 19 -13.58 -1.07 14.93
C TRP B 19 -13.16 0.34 15.28
N VAL B 20 -14.14 1.21 15.48
CA VAL B 20 -13.89 2.60 15.90
C VAL B 20 -13.52 2.61 17.37
N SER B 21 -14.11 1.72 18.16
CA SER B 21 -13.82 1.66 19.59
C SER B 21 -14.07 0.20 19.98
N PRO B 22 -13.86 -0.19 21.25
CA PRO B 22 -14.06 -1.59 21.61
C PRO B 22 -15.45 -2.13 21.36
N SER B 23 -16.46 -1.25 21.31
N SER B 23 -16.47 -1.27 21.30
CA SER B 23 -17.85 -1.65 21.21
CA SER B 23 -17.84 -1.72 21.18
C SER B 23 -18.53 -1.15 19.96
C SER B 23 -18.54 -1.14 19.96
N LEU B 24 -17.84 -0.40 19.12
CA LEU B 24 -18.43 0.26 17.96
C LEU B 24 -17.72 -0.19 16.69
N PHE B 25 -18.49 -0.81 15.79
CA PHE B 25 -17.96 -1.35 14.54
C PHE B 25 -18.77 -0.73 13.41
N ILE B 26 -18.10 -0.23 12.38
CA ILE B 26 -18.80 0.39 11.24
C ILE B 26 -18.51 -0.37 9.96
N THR B 27 -19.49 -0.36 9.06
CA THR B 27 -19.36 -1.07 7.80
C THR B 27 -20.32 -0.44 6.79
N SER B 28 -20.30 -0.96 5.58
CA SER B 28 -21.24 -0.53 4.54
C SER B 28 -22.45 -1.47 4.58
N THR B 29 -23.67 -0.92 4.65
CA THR B 29 -24.85 -1.75 4.88
C THR B 29 -24.99 -2.91 3.89
N HIS B 30 -24.65 -2.69 2.62
CA HIS B 30 -24.91 -3.75 1.66
C HIS B 30 -24.02 -4.96 1.80
N VAL B 31 -22.93 -4.86 2.56
CA VAL B 31 -22.08 -6.07 2.71
C VAL B 31 -22.49 -6.96 3.87
N ILE B 32 -23.45 -6.58 4.69
CA ILE B 32 -23.78 -7.34 5.90
C ILE B 32 -24.19 -8.75 5.47
N PRO B 33 -23.67 -9.80 6.10
CA PRO B 33 -24.13 -11.15 5.73
C PRO B 33 -25.58 -11.35 6.19
N GLN B 34 -26.51 -11.50 5.26
CA GLN B 34 -27.92 -11.47 5.61
C GLN B 34 -28.43 -12.77 6.24
N SER B 35 -27.67 -13.85 6.22
CA SER B 35 -28.13 -15.06 6.92
C SER B 35 -27.37 -15.32 8.21
N ALA B 36 -26.60 -14.35 8.74
CA ALA B 36 -25.91 -14.53 10.02
C ALA B 36 -26.90 -14.37 11.19
N LYS B 37 -26.68 -15.19 12.24
CA LYS B 37 -27.43 -15.12 13.48
C LYS B 37 -26.67 -14.34 14.54
N GLU B 38 -25.38 -14.14 14.36
CA GLU B 38 -24.58 -13.43 15.34
C GLU B 38 -23.44 -12.77 14.58
N PHE B 39 -22.92 -11.70 15.17
CA PHE B 39 -21.69 -11.06 14.69
C PHE B 39 -20.72 -11.06 15.86
N PHE B 40 -19.47 -11.49 15.59
CA PHE B 40 -18.41 -11.52 16.61
C PHE B 40 -18.87 -12.24 17.87
N GLY B 41 -19.67 -13.26 17.66
CA GLY B 41 -20.14 -14.11 18.74
C GLY B 41 -21.33 -13.58 19.52
N VAL B 42 -21.94 -12.48 19.09
CA VAL B 42 -23.04 -11.83 19.79
C VAL B 42 -24.31 -11.99 18.95
N PRO B 43 -25.41 -12.49 19.52
CA PRO B 43 -26.65 -12.63 18.74
C PRO B 43 -27.05 -11.26 18.21
N ILE B 44 -27.44 -11.24 16.93
CA ILE B 44 -27.71 -9.98 16.23
C ILE B 44 -28.73 -9.13 16.95
N LYS B 45 -29.76 -9.74 17.53
CA LYS B 45 -30.79 -8.94 18.19
C LYS B 45 -30.28 -8.24 19.46
N GLN B 46 -29.11 -8.61 19.97
CA GLN B 46 -28.53 -7.93 21.11
C GLN B 46 -27.63 -6.75 20.69
N ILE B 47 -27.40 -6.59 19.40
CA ILE B 47 -26.56 -5.53 18.86
C ILE B 47 -27.49 -4.42 18.43
N GLN B 48 -27.11 -3.17 18.74
CA GLN B 48 -27.83 -2.00 18.25
C GLN B 48 -27.26 -1.65 16.89
N ILE B 49 -28.00 -1.96 15.84
CA ILE B 49 -27.59 -1.87 14.45
C ILE B 49 -28.36 -0.72 13.84
N HIS B 50 -27.67 0.37 13.55
CA HIS B 50 -28.30 1.54 12.95
C HIS B 50 -27.81 1.68 11.53
N LYS B 51 -28.72 1.79 10.58
CA LYS B 51 -28.39 1.97 9.17
C LYS B 51 -28.83 3.37 8.78
N SER B 52 -27.93 4.14 8.19
CA SER B 52 -28.19 5.46 7.61
C SER B 52 -27.71 5.32 6.16
N GLY B 53 -28.62 4.92 5.32
CA GLY B 53 -28.26 4.57 3.97
C GLY B 53 -27.28 3.41 4.01
N GLU B 54 -26.15 3.64 3.41
CA GLU B 54 -25.10 2.64 3.34
C GLU B 54 -24.12 2.75 4.48
N PHE B 55 -24.28 3.67 5.42
CA PHE B 55 -23.40 3.70 6.59
C PHE B 55 -24.07 2.92 7.70
N CYS B 56 -23.44 1.84 8.15
CA CYS B 56 -24.00 0.98 9.18
C CYS B 56 -23.12 1.00 10.41
N ARG B 57 -23.72 1.27 11.58
CA ARG B 57 -23.06 1.30 12.87
C ARG B 57 -23.60 0.15 13.71
N LEU B 58 -22.72 -0.68 14.22
CA LEU B 58 -23.06 -1.77 15.12
C LEU B 58 -22.50 -1.44 16.48
N ARG B 59 -23.39 -1.26 17.47
CA ARG B 59 -22.96 -1.01 18.82
C ARG B 59 -23.22 -2.26 19.63
N PHE B 60 -22.15 -2.83 20.17
CA PHE B 60 -22.24 -4.08 20.88
C PHE B 60 -22.52 -3.80 22.36
N PRO B 61 -23.18 -4.75 23.00
CA PRO B 61 -23.62 -4.52 24.39
C PRO B 61 -22.50 -4.65 25.42
N LYS B 62 -21.36 -5.21 25.07
CA LYS B 62 -20.19 -5.27 25.93
C LYS B 62 -18.99 -5.08 25.03
N PRO B 63 -17.86 -4.65 25.57
CA PRO B 63 -16.67 -4.45 24.73
C PRO B 63 -16.27 -5.76 24.08
N ILE B 64 -15.93 -5.68 22.78
CA ILE B 64 -15.44 -6.81 21.99
C ILE B 64 -13.95 -6.66 21.75
N ARG B 65 -13.53 -5.55 21.18
CA ARG B 65 -12.10 -5.37 20.87
C ARG B 65 -11.50 -4.47 21.94
N THR B 66 -11.19 -5.08 23.09
CA THR B 66 -10.69 -4.27 24.18
C THR B 66 -9.25 -3.79 23.97
N ASP B 67 -8.58 -4.26 22.92
CA ASP B 67 -7.21 -3.83 22.62
C ASP B 67 -7.16 -2.49 21.92
N VAL B 68 -8.29 -1.96 21.49
CA VAL B 68 -8.30 -0.70 20.73
C VAL B 68 -8.78 0.49 21.56
N THR B 69 -8.20 1.65 21.28
CA THR B 69 -8.70 2.89 21.82
C THR B 69 -9.84 3.43 20.93
N GLY B 70 -10.66 4.30 21.51
CA GLY B 70 -11.74 4.92 20.73
C GLY B 70 -11.19 6.01 19.81
N MET B 71 -11.54 5.94 18.52
N MET B 71 -11.57 5.96 18.55
CA MET B 71 -11.13 6.90 17.49
CA MET B 71 -11.16 6.96 17.61
C MET B 71 -12.24 7.90 17.20
C MET B 71 -12.25 8.01 17.42
N ILE B 72 -11.84 9.12 16.86
CA ILE B 72 -12.78 10.15 16.45
C ILE B 72 -13.47 9.73 15.15
N LEU B 73 -14.80 9.78 15.13
CA LEU B 73 -15.64 9.46 13.99
C LEU B 73 -16.41 10.72 13.61
N GLU B 74 -16.23 11.17 12.38
CA GLU B 74 -16.93 12.37 11.88
C GLU B 74 -17.62 12.03 10.57
N GLU B 75 -18.51 12.93 10.17
CA GLU B 75 -19.35 12.80 8.99
C GLU B 75 -18.62 13.38 7.78
N GLY B 76 -17.85 12.55 7.09
CA GLY B 76 -17.06 13.09 5.99
C GLY B 76 -15.96 14.07 6.46
N ALA B 77 -15.35 14.74 5.50
CA ALA B 77 -14.27 15.68 5.76
C ALA B 77 -14.48 16.96 4.98
N PRO B 78 -13.75 18.03 5.32
CA PRO B 78 -13.86 19.24 4.49
C PRO B 78 -13.54 18.96 3.04
N GLU B 79 -14.27 19.61 2.15
CA GLU B 79 -13.96 19.48 0.74
C GLU B 79 -12.50 19.84 0.45
N GLY B 80 -11.85 19.00 -0.34
CA GLY B 80 -10.44 19.16 -0.62
C GLY B 80 -9.49 18.35 0.26
N THR B 81 -9.98 17.79 1.36
CA THR B 81 -9.13 17.00 2.24
C THR B 81 -8.60 15.79 1.47
N VAL B 82 -7.32 15.51 1.61
CA VAL B 82 -6.78 14.28 1.04
C VAL B 82 -6.87 13.26 2.16
N ALA B 83 -7.83 12.34 2.05
CA ALA B 83 -8.00 11.27 3.01
C ALA B 83 -7.30 10.03 2.46
N THR B 84 -7.27 8.99 3.27
CA THR B 84 -6.72 7.70 2.89
C THR B 84 -7.80 6.64 3.01
N LEU B 85 -7.99 5.87 1.96
CA LEU B 85 -8.84 4.69 2.02
C LEU B 85 -7.95 3.51 2.37
N LEU B 86 -8.24 2.88 3.50
CA LEU B 86 -7.40 1.75 3.97
C LEU B 86 -7.99 0.45 3.48
N ILE B 87 -7.52 -0.02 2.32
CA ILE B 87 -8.07 -1.24 1.72
C ILE B 87 -7.34 -2.45 2.25
N LYS B 88 -8.06 -3.45 2.70
CA LYS B 88 -7.47 -4.78 2.92
C LYS B 88 -7.96 -5.69 1.80
N ARG B 89 -7.10 -6.62 1.37
CA ARG B 89 -7.43 -7.63 0.40
C ARG B 89 -7.28 -9.01 1.01
N PRO B 90 -8.03 -10.00 0.52
CA PRO B 90 -7.99 -11.36 1.09
C PRO B 90 -6.72 -12.12 0.85
N THR B 91 -5.78 -11.56 0.09
CA THR B 91 -4.41 -12.07 -0.02
C THR B 91 -3.55 -11.68 1.15
N GLY B 92 -4.02 -10.78 2.02
CA GLY B 92 -3.23 -10.25 3.08
C GLY B 92 -2.72 -8.85 2.83
N GLU B 93 -2.86 -8.31 1.63
CA GLU B 93 -2.29 -6.97 1.38
C GLU B 93 -3.01 -5.89 2.18
N LEU B 94 -2.24 -4.85 2.56
CA LEU B 94 -2.69 -3.62 3.20
C LEU B 94 -2.39 -2.53 2.19
N MET B 95 -3.40 -1.92 1.59
CA MET B 95 -3.24 -1.01 0.46
C MET B 95 -3.84 0.33 0.77
N PRO B 96 -3.05 1.27 1.29
CA PRO B 96 -3.58 2.62 1.56
C PRO B 96 -3.59 3.48 0.30
N LEU B 97 -4.77 4.03 -0.07
CA LEU B 97 -4.91 4.89 -1.24
C LEU B 97 -5.33 6.30 -0.89
N ALA B 98 -4.57 7.31 -1.29
CA ALA B 98 -5.01 8.69 -1.08
C ALA B 98 -6.21 9.00 -1.96
N ALA B 99 -7.14 9.78 -1.39
CA ALA B 99 -8.28 10.24 -2.19
C ALA B 99 -8.59 11.67 -1.80
N ARG B 100 -8.78 12.51 -2.82
CA ARG B 100 -9.19 13.92 -2.59
C ARG B 100 -10.70 13.93 -2.41
N MET B 101 -11.18 14.32 -1.22
CA MET B 101 -12.61 14.33 -0.92
C MET B 101 -13.29 15.57 -1.46
N GLY B 102 -14.50 15.35 -1.97
CA GLY B 102 -15.24 16.37 -2.68
C GLY B 102 -16.58 16.66 -2.03
N THR B 103 -17.61 16.66 -2.86
CA THR B 103 -18.93 17.13 -2.43
C THR B 103 -19.61 16.11 -1.53
N HIS B 104 -20.32 16.60 -0.51
CA HIS B 104 -21.22 15.80 0.29
C HIS B 104 -22.58 15.79 -0.39
N ALA B 105 -23.18 14.61 -0.54
CA ALA B 105 -24.47 14.54 -1.20
C ALA B 105 -25.24 13.28 -0.81
N THR B 106 -26.54 13.29 -1.12
CA THR B 106 -27.39 12.12 -1.02
C THR B 106 -27.76 11.73 -2.44
N MET B 107 -27.34 10.53 -2.85
CA MET B 107 -27.49 10.02 -4.20
C MET B 107 -28.31 8.74 -4.21
N LYS B 108 -28.75 8.35 -5.40
CA LYS B 108 -29.36 7.04 -5.63
C LYS B 108 -28.36 6.20 -6.40
N ILE B 109 -27.97 5.07 -5.82
CA ILE B 109 -26.97 4.18 -6.41
C ILE B 109 -27.62 2.80 -6.44
N GLN B 110 -27.77 2.24 -7.64
CA GLN B 110 -28.50 0.97 -7.81
C GLN B 110 -29.85 0.97 -7.07
N GLY B 111 -30.59 2.08 -7.19
CA GLY B 111 -31.90 2.19 -6.57
C GLY B 111 -31.93 2.43 -5.08
N ARG B 112 -30.79 2.53 -4.41
CA ARG B 112 -30.74 2.71 -2.97
C ARG B 112 -30.29 4.14 -2.67
N THR B 113 -30.78 4.69 -1.57
CA THR B 113 -30.38 6.03 -1.16
C THR B 113 -29.08 5.95 -0.37
N VAL B 114 -28.09 6.76 -0.76
CA VAL B 114 -26.76 6.70 -0.21
C VAL B 114 -26.35 8.11 0.15
N GLY B 115 -26.22 8.38 1.45
CA GLY B 115 -25.66 9.65 1.90
C GLY B 115 -24.17 9.44 2.04
N GLY B 116 -23.41 10.41 1.57
CA GLY B 116 -21.95 10.27 1.72
C GLY B 116 -21.21 11.43 1.10
N GLN B 117 -19.97 11.16 0.74
CA GLN B 117 -19.07 12.13 0.20
C GLN B 117 -18.34 11.51 -0.98
N MET B 118 -18.26 12.24 -2.08
N MET B 118 -18.28 12.21 -2.09
CA MET B 118 -17.48 11.80 -3.24
CA MET B 118 -17.51 11.74 -3.24
C MET B 118 -16.01 11.97 -2.97
C MET B 118 -16.03 12.00 -3.03
N GLY B 119 -15.20 11.17 -3.67
CA GLY B 119 -13.76 11.36 -3.65
C GLY B 119 -13.18 10.97 -5.00
N MET B 120 -11.94 11.38 -5.20
CA MET B 120 -11.18 11.02 -6.41
C MET B 120 -9.87 10.43 -5.94
N LEU B 121 -9.62 9.17 -6.30
CA LEU B 121 -8.33 8.56 -5.97
C LEU B 121 -7.21 9.31 -6.68
N LEU B 122 -6.10 9.49 -5.96
CA LEU B 122 -4.98 10.21 -6.57
C LEU B 122 -4.14 9.35 -7.48
N THR B 123 -4.46 8.08 -7.66
CA THR B 123 -3.77 7.24 -8.64
C THR B 123 -4.28 7.52 -10.06
N GLY B 124 -5.33 8.34 -10.20
CA GLY B 124 -5.86 8.74 -11.50
C GLY B 124 -6.51 7.64 -12.32
N LEU B 132 -4.22 -0.46 -8.17
CA LEU B 132 -4.13 0.91 -7.68
C LEU B 132 -5.52 1.51 -7.49
N GLY B 133 -6.54 0.67 -7.45
CA GLY B 133 -7.87 1.23 -7.20
C GLY B 133 -8.71 0.26 -6.44
N THR B 134 -10.02 0.51 -6.40
CA THR B 134 -10.91 -0.33 -5.61
C THR B 134 -11.63 -1.35 -6.48
N THR B 135 -12.15 -2.39 -5.84
CA THR B 135 -12.66 -3.58 -6.51
C THR B 135 -13.82 -4.14 -5.73
N PRO B 136 -14.60 -5.04 -6.34
CA PRO B 136 -15.57 -5.82 -5.56
C PRO B 136 -14.84 -6.47 -4.38
N GLY B 137 -15.48 -6.50 -3.25
CA GLY B 137 -14.94 -7.01 -2.04
C GLY B 137 -14.37 -5.94 -1.11
N ASP B 138 -14.15 -4.74 -1.61
CA ASP B 138 -13.51 -3.69 -0.80
C ASP B 138 -14.46 -2.88 0.06
N CYS B 139 -15.76 -3.08 -0.06
CA CYS B 139 -16.67 -2.18 0.64
C CYS B 139 -16.61 -2.39 2.13
N GLY B 140 -16.82 -1.30 2.84
CA GLY B 140 -16.71 -1.27 4.29
C GLY B 140 -15.36 -0.84 4.80
N CYS B 141 -14.34 -0.80 3.92
CA CYS B 141 -13.05 -0.31 4.39
C CYS B 141 -13.14 1.18 4.72
N PRO B 142 -12.38 1.64 5.70
CA PRO B 142 -12.58 3.01 6.21
C PRO B 142 -11.79 4.04 5.42
N TYR B 143 -12.35 5.26 5.37
CA TYR B 143 -11.63 6.46 4.96
C TYR B 143 -11.19 7.21 6.21
N ILE B 144 -9.91 7.59 6.30
CA ILE B 144 -9.37 8.28 7.46
C ILE B 144 -8.53 9.45 7.00
N TYR B 145 -8.38 10.43 7.87
CA TYR B 145 -7.34 11.44 7.66
C TYR B 145 -6.75 11.83 9.00
N LYS B 146 -5.64 12.52 8.95
CA LYS B 146 -4.92 13.00 10.14
C LYS B 146 -5.13 14.51 10.25
N ARG B 147 -5.68 14.92 11.39
CA ARG B 147 -5.92 16.33 11.69
C ARG B 147 -5.12 16.67 12.95
N GLY B 148 -4.04 17.42 12.76
CA GLY B 148 -3.15 17.62 13.88
C GLY B 148 -2.58 16.29 14.32
N ASN B 149 -2.71 15.98 15.60
CA ASN B 149 -2.23 14.71 16.11
C ASN B 149 -3.28 13.62 16.10
N ASP B 150 -4.48 13.90 15.59
CA ASP B 150 -5.61 12.99 15.70
C ASP B 150 -5.89 12.29 14.38
N TYR B 151 -6.06 10.98 14.43
CA TYR B 151 -6.71 10.28 13.32
C TYR B 151 -8.22 10.51 13.39
N VAL B 152 -8.84 10.74 12.23
CA VAL B 152 -10.27 10.93 12.15
C VAL B 152 -10.81 9.94 11.12
N VAL B 153 -11.77 9.13 11.51
CA VAL B 153 -12.41 8.23 10.55
C VAL B 153 -13.65 8.93 10.03
N ILE B 154 -13.84 8.95 8.73
CA ILE B 154 -14.89 9.78 8.13
C ILE B 154 -15.97 9.02 7.40
N GLY B 155 -15.84 7.72 7.20
CA GLY B 155 -16.88 6.94 6.55
C GLY B 155 -16.32 5.65 6.01
N VAL B 156 -17.16 4.99 5.20
CA VAL B 156 -16.81 3.63 4.72
C VAL B 156 -16.98 3.54 3.22
N HIS B 157 -16.15 2.72 2.58
CA HIS B 157 -16.21 2.63 1.14
C HIS B 157 -17.46 1.88 0.68
N THR B 158 -18.18 2.50 -0.27
CA THR B 158 -19.45 1.96 -0.74
C THR B 158 -19.57 1.78 -2.24
N ALA B 159 -18.87 2.59 -3.03
CA ALA B 159 -19.09 2.52 -4.47
C ALA B 159 -17.92 3.16 -5.22
N ALA B 160 -17.79 2.80 -6.50
CA ALA B 160 -16.82 3.48 -7.35
C ALA B 160 -17.23 3.31 -8.79
N ALA B 161 -16.80 4.29 -9.61
CA ALA B 161 -16.99 4.19 -11.05
C ALA B 161 -16.17 3.03 -11.60
N ARG B 162 -16.68 2.43 -12.68
CA ARG B 162 -16.01 1.30 -13.30
C ARG B 162 -14.77 1.78 -14.05
N ASN B 165 -11.92 7.47 -11.62
CA ASN B 165 -11.22 7.63 -10.34
C ASN B 165 -12.23 7.91 -9.19
N THR B 166 -13.53 7.95 -9.51
CA THR B 166 -14.51 8.40 -8.52
C THR B 166 -14.83 7.30 -7.53
N VAL B 167 -14.77 7.64 -6.25
CA VAL B 167 -15.18 6.71 -5.18
C VAL B 167 -16.22 7.41 -4.31
N ILE B 168 -17.04 6.64 -3.62
CA ILE B 168 -18.07 7.14 -2.73
C ILE B 168 -17.79 6.59 -1.33
N CYS B 169 -17.66 7.50 -0.37
CA CYS B 169 -17.52 7.19 1.04
C CYS B 169 -18.89 7.43 1.67
N ALA B 170 -19.53 6.38 2.15
CA ALA B 170 -20.80 6.57 2.87
C ALA B 170 -20.51 7.15 4.25
N THR B 171 -21.32 8.15 4.68
CA THR B 171 -21.06 8.85 5.95
C THR B 171 -22.24 8.75 6.89
N GLN B 172 -21.96 8.95 8.18
CA GLN B 172 -23.00 8.85 9.21
C GLN B 172 -24.09 9.92 9.06
N GLY B 173 -25.31 9.58 9.47
CA GLY B 173 -26.43 10.51 9.37
C GLY B 173 -26.65 11.30 10.64
C1 A1C3V C 1 17.61 14.26 2.29
O1 A1C3V C 1 18.67 11.55 2.90
C2 A1C3V C 1 17.46 12.69 0.20
O2 A1C3V C 1 16.50 11.99 2.26
C3 A1C3V C 1 15.54 13.78 1.26
C4 A1C3V C 1 17.75 7.87 3.61
C A1C3V C 1 17.52 11.25 2.80
CT A1C3V C 1 16.86 13.19 1.51
N A1C3V C 1 16.92 10.13 3.40
CA A1C3V C 1 17.82 9.26 4.17
O A1C3V C 1 16.69 7.37 3.17
CB A1C3V C 1 17.40 9.18 5.65
CG A1C3V C 1 17.63 10.45 6.44
CD1 A1C3V C 1 16.62 11.23 6.82
CD2 A1C3V C 1 18.93 10.82 6.76
CE1 A1C3V C 1 16.85 12.44 7.54
CE2 A1C3V C 1 19.18 12.00 7.46
CZ A1C3V C 1 18.11 12.80 7.87
N ALC C 2 18.90 7.15 3.61
CA ALC C 2 18.92 5.78 3.16
C ALC C 2 18.04 4.93 4.05
O ALC C 2 18.01 5.01 5.27
CB ALC C 2 20.35 5.19 3.33
CG ALC C 2 21.37 5.80 2.35
CD2 ALC C 2 20.93 5.51 0.89
CE2 ALC C 2 21.96 5.95 -0.16
CZ ALC C 2 23.31 5.26 0.06
CE1 ALC C 2 23.78 5.43 1.51
CD1 ALC C 2 22.72 5.09 2.60
OAD ELL C 3 12.42 4.88 3.20
CD2 ELL C 3 13.11 5.18 4.15
NAH ELL C 3 12.66 5.94 5.23
CAE ELL C 3 13.81 6.17 6.22
CD1 ELL C 3 14.82 5.11 5.85
CG ELL C 3 14.57 4.86 4.35
CB ELL C 3 14.93 3.43 3.86
CA ELL C 3 16.41 3.05 4.08
N ELL C 3 17.26 4.00 3.38
C ELL C 3 16.64 1.64 3.51
O ELL C 3 17.80 1.15 3.92
C1 A1C3V D 1 -19.73 6.34 -9.55
O1 A1C3V D 1 -22.63 3.33 -8.93
C2 A1C3V D 1 -21.56 5.99 -7.91
O2 A1C3V D 1 -20.58 4.23 -9.37
C3 A1C3V D 1 -22.06 5.89 -10.34
C4 A1C3V D 1 -20.97 0.34 -7.34
C A1C3V D 1 -21.45 3.20 -9.09
CT A1C3V D 1 -21.01 5.56 -9.28
N A1C3V D 1 -20.77 1.95 -9.02
CA A1C3V D 1 -21.44 0.71 -8.76
O A1C3V D 1 -19.90 0.64 -6.84
CB A1C3V D 1 -20.98 -0.28 -9.85
CG A1C3V D 1 -21.68 0.06 -11.18
CD1 A1C3V D 1 -22.94 -0.46 -11.51
CD2 A1C3V D 1 -21.04 0.86 -12.14
CE1 A1C3V D 1 -23.56 -0.15 -12.73
CE2 A1C3V D 1 -21.66 1.17 -13.35
CZ A1C3V D 1 -22.91 0.66 -13.65
N ALC D 2 -21.93 -0.35 -6.60
CA ALC D 2 -21.66 -0.81 -5.24
C ALC D 2 -20.47 -1.77 -5.28
O ALC D 2 -20.38 -2.65 -6.09
CB ALC D 2 -22.85 -1.53 -4.61
CG ALC D 2 -24.02 -0.58 -4.36
CD2 ALC D 2 -23.65 0.51 -3.33
CE2 ALC D 2 -24.89 1.33 -2.89
CZ ALC D 2 -25.95 0.39 -2.34
CE1 ALC D 2 -26.35 -0.70 -3.28
CD1 ALC D 2 -25.14 -1.48 -3.83
OAD ELL D 3 -15.07 0.12 -5.50
CD2 ELL D 3 -15.71 -0.57 -6.23
NAH ELL D 3 -15.27 -0.90 -7.58
CAE ELL D 3 -16.38 -1.77 -8.17
CD1 ELL D 3 -17.23 -2.27 -6.98
CG ELL D 3 -17.04 -1.21 -5.96
CB ELL D 3 -17.07 -1.73 -4.46
CA ELL D 3 -18.39 -2.44 -4.07
N ELL D 3 -19.54 -1.58 -4.24
C ELL D 3 -18.31 -2.95 -2.61
O ELL D 3 -19.25 -3.86 -2.34
#